data_7D2S
#
_entry.id   7D2S
#
_cell.length_a   124.596
_cell.length_b   124.596
_cell.length_c   50.518
_cell.angle_alpha   90.000
_cell.angle_beta   90.000
_cell.angle_gamma   90.000
#
_symmetry.space_group_name_H-M   'I 4'
#
loop_
_entity.id
_entity.type
_entity.pdbx_description
1 polymer 'Ras suppressor protein 1'
2 polymer 'LIM and senescent cell antigen-like-containing domain protein 1'
3 non-polymer GLYCEROL
4 non-polymer 'ZINC ION'
5 water water
#
loop_
_entity_poly.entity_id
_entity_poly.type
_entity_poly.pdbx_seq_one_letter_code
_entity_poly.pdbx_strand_id
1 'polypeptide(L)'
;GAMGSMSKSLKKLVEESREKNQPEVDMSDRGISNMLDVNGLFTLSHITQLVLSHNKLTMVPPNIAELKNLEVLNFFNNQI
EELPTQISSLQKLKHLNLGMNRLNTLPRGFGSLPALEVLDLTYNNLSENSLPGNFFYLTTLRALYLSDNDFEILPPDIGK
LTKLQILSLRDNDLISLPKEIGELTQLKELHIQGNRLTVLPPELGNLDLTGQKQVFKAEN
;
A
2 'polypeptide(L)'
;GPGSGDVCFHCNRVIEGDVVSALNKAWCVNCFACSTCNTKLTLKNKFVEFDMKPVCKKCYEKFPLELKKRLKKLAETLGR
K
;
B
#
# COMPACT_ATOMS: atom_id res chain seq x y z
N LYS A 8 -18.84 9.63 -16.23
CA LYS A 8 -18.90 8.76 -17.40
C LYS A 8 -19.10 7.30 -16.97
N SER A 9 -19.73 6.52 -17.84
CA SER A 9 -19.94 5.09 -17.57
C SER A 9 -18.61 4.35 -17.61
N LEU A 10 -18.57 3.18 -16.97
CA LEU A 10 -17.37 2.35 -16.99
C LEU A 10 -17.04 1.90 -18.41
N LYS A 11 -18.06 1.64 -19.21
CA LYS A 11 -17.86 1.27 -20.61
C LYS A 11 -17.10 2.37 -21.32
N LYS A 12 -17.55 3.62 -21.12
CA LYS A 12 -16.95 4.76 -21.78
C LYS A 12 -15.53 5.06 -21.27
N LEU A 13 -15.28 4.79 -19.99
CA LEU A 13 -13.95 5.04 -19.44
C LEU A 13 -12.93 4.09 -20.04
N VAL A 14 -13.35 2.85 -20.27
CA VAL A 14 -12.51 1.85 -20.92
C VAL A 14 -12.28 2.22 -22.38
N GLU A 15 -13.34 2.66 -23.05
CA GLU A 15 -13.24 3.07 -24.46
C GLU A 15 -12.31 4.27 -24.62
N GLU A 16 -12.48 5.26 -23.75
CA GLU A 16 -11.67 6.47 -23.81
C GLU A 16 -10.21 6.18 -23.51
N SER A 17 -9.96 5.25 -22.58
CA SER A 17 -8.61 4.84 -22.26
C SER A 17 -7.93 4.22 -23.48
N ARG A 18 -8.68 3.39 -24.19
CA ARG A 18 -8.15 2.67 -25.34
C ARG A 18 -7.94 3.60 -26.54
N GLU A 19 -8.86 4.53 -26.74
CA GLU A 19 -8.83 5.42 -27.89
C GLU A 19 -7.76 6.51 -27.78
N LYS A 20 -7.65 7.12 -26.60
CA LYS A 20 -6.69 8.19 -26.37
C LYS A 20 -5.41 7.65 -25.76
N ASN A 21 -5.33 6.33 -25.65
CA ASN A 21 -4.20 5.62 -25.07
C ASN A 21 -3.79 6.22 -23.72
N GLN A 22 -4.78 6.46 -22.88
CA GLN A 22 -4.56 7.01 -21.54
C GLN A 22 -4.06 5.92 -20.60
N PRO A 23 -2.88 6.13 -20.01
CA PRO A 23 -2.28 5.10 -19.15
C PRO A 23 -2.93 4.97 -17.77
N GLU A 24 -3.72 5.96 -17.34
CA GLU A 24 -4.32 5.91 -16.01
C GLU A 24 -5.83 5.70 -16.06
N VAL A 25 -6.31 4.76 -15.28
CA VAL A 25 -7.74 4.45 -15.22
C VAL A 25 -8.22 4.64 -13.78
N ASP A 26 -9.20 5.52 -13.61
CA ASP A 26 -9.73 5.83 -12.28
C ASP A 26 -11.16 5.33 -12.14
N MET A 27 -11.34 4.26 -11.38
CA MET A 27 -12.67 3.70 -11.16
C MET A 27 -12.95 3.59 -9.67
N SER A 28 -12.44 4.55 -8.92
CA SER A 28 -12.72 4.64 -7.50
C SER A 28 -14.21 4.85 -7.23
N ASP A 29 -14.74 4.14 -6.23
CA ASP A 29 -16.09 4.38 -5.73
C ASP A 29 -17.15 4.35 -6.85
N ARG A 30 -17.16 3.24 -7.59
CA ARG A 30 -18.09 3.06 -8.71
C ARG A 30 -19.03 1.87 -8.51
N GLY A 31 -19.09 1.36 -7.28
CA GLY A 31 -19.98 0.25 -6.97
C GLY A 31 -19.63 -1.05 -7.65
N ILE A 32 -18.35 -1.22 -8.00
CA ILE A 32 -17.93 -2.40 -8.75
C ILE A 32 -17.79 -3.62 -7.83
N SER A 33 -18.49 -4.71 -8.17
CA SER A 33 -18.47 -5.93 -7.36
CA SER A 33 -18.42 -5.91 -7.33
C SER A 33 -17.62 -7.03 -7.98
N ASN A 34 -17.31 -6.90 -9.27
CA ASN A 34 -16.55 -7.94 -9.97
C ASN A 34 -15.77 -7.33 -11.14
N MET A 35 -14.45 -7.45 -11.11
CA MET A 35 -13.64 -6.87 -12.19
C MET A 35 -13.96 -7.45 -13.57
N LEU A 36 -14.43 -8.69 -13.59
CA LEU A 36 -14.79 -9.33 -14.86
C LEU A 36 -16.04 -8.71 -15.49
N ASP A 37 -16.72 -7.85 -14.72
CA ASP A 37 -17.94 -7.23 -15.21
C ASP A 37 -17.73 -5.76 -15.56
N VAL A 38 -16.46 -5.35 -15.54
CA VAL A 38 -16.08 -4.06 -16.09
C VAL A 38 -15.72 -4.29 -17.55
N ASN A 39 -16.65 -3.93 -18.44
CA ASN A 39 -16.54 -4.24 -19.86
CA ASN A 39 -16.52 -4.28 -19.85
C ASN A 39 -15.22 -3.81 -20.49
N GLY A 40 -14.44 -4.78 -20.96
CA GLY A 40 -13.20 -4.49 -21.67
C GLY A 40 -11.99 -4.12 -20.82
N LEU A 41 -12.15 -4.11 -19.50
CA LEU A 41 -11.08 -3.70 -18.61
C LEU A 41 -9.76 -4.41 -18.91
N PHE A 42 -9.81 -5.72 -19.10
CA PHE A 42 -8.57 -6.49 -19.21
C PHE A 42 -7.97 -6.46 -20.61
N THR A 43 -8.63 -5.77 -21.53
CA THR A 43 -8.06 -5.52 -22.86
C THR A 43 -7.15 -4.29 -22.88
N LEU A 44 -7.07 -3.58 -21.77
CA LEU A 44 -6.32 -2.33 -21.71
C LEU A 44 -4.86 -2.57 -21.35
N SER A 45 -4.15 -3.28 -22.21
CA SER A 45 -2.79 -3.76 -21.90
C SER A 45 -1.80 -2.62 -21.69
N HIS A 46 -2.09 -1.44 -22.24
CA HIS A 46 -1.18 -0.32 -22.16
C HIS A 46 -1.16 0.38 -20.78
N ILE A 47 -2.18 0.18 -19.96
CA ILE A 47 -2.32 1.06 -18.80
C ILE A 47 -1.29 0.80 -17.71
N THR A 48 -0.90 1.88 -17.03
CA THR A 48 0.13 1.79 -15.99
C THR A 48 -0.44 2.08 -14.61
N GLN A 49 -1.65 2.63 -14.55
CA GLN A 49 -2.29 2.86 -13.25
C GLN A 49 -3.75 2.47 -13.28
N LEU A 50 -4.16 1.66 -12.32
CA LEU A 50 -5.56 1.26 -12.19
C LEU A 50 -6.01 1.49 -10.75
N VAL A 51 -6.98 2.37 -10.57
CA VAL A 51 -7.48 2.67 -9.23
C VAL A 51 -8.88 2.11 -9.08
N LEU A 52 -9.03 1.20 -8.11
CA LEU A 52 -10.30 0.54 -7.85
C LEU A 52 -10.65 0.64 -6.37
N SER A 53 -10.14 1.68 -5.71
CA SER A 53 -10.47 1.92 -4.31
C SER A 53 -11.97 2.14 -4.08
N HIS A 54 -12.44 1.77 -2.89
CA HIS A 54 -13.81 2.06 -2.46
C HIS A 54 -14.88 1.39 -3.30
N ASN A 55 -14.63 0.17 -3.75
CA ASN A 55 -15.64 -0.59 -4.47
C ASN A 55 -16.10 -1.76 -3.65
N LYS A 56 -16.65 -2.78 -4.29
CA LYS A 56 -17.24 -3.91 -3.59
C LYS A 56 -16.58 -5.22 -4.00
N LEU A 57 -15.29 -5.17 -4.29
CA LEU A 57 -14.61 -6.36 -4.76
C LEU A 57 -14.38 -7.34 -3.62
N THR A 58 -14.58 -8.63 -3.88
CA THR A 58 -14.28 -9.67 -2.90
C THR A 58 -13.13 -10.56 -3.37
N MET A 59 -12.79 -10.43 -4.65
CA MET A 59 -11.74 -11.26 -5.22
C MET A 59 -11.12 -10.49 -6.37
N VAL A 60 -9.93 -10.92 -6.79
CA VAL A 60 -9.29 -10.38 -7.98
C VAL A 60 -9.06 -11.55 -8.93
N PRO A 61 -9.50 -11.44 -10.18
CA PRO A 61 -9.38 -12.61 -11.04
C PRO A 61 -7.96 -12.80 -11.59
N PRO A 62 -7.64 -14.00 -12.08
CA PRO A 62 -6.29 -14.23 -12.61
C PRO A 62 -6.01 -13.31 -13.82
N ASN A 63 -7.07 -12.79 -14.44
CA ASN A 63 -6.94 -11.91 -15.60
C ASN A 63 -6.13 -10.66 -15.31
N ILE A 64 -5.92 -10.34 -14.04
CA ILE A 64 -5.09 -9.20 -13.66
C ILE A 64 -3.70 -9.27 -14.33
N ALA A 65 -3.23 -10.48 -14.61
CA ALA A 65 -1.93 -10.64 -15.24
C ALA A 65 -1.90 -10.03 -16.65
N GLU A 66 -3.08 -9.87 -17.26
CA GLU A 66 -3.14 -9.36 -18.63
C GLU A 66 -2.85 -7.86 -18.68
N LEU A 67 -2.97 -7.20 -17.54
CA LEU A 67 -2.62 -5.78 -17.44
C LEU A 67 -1.13 -5.70 -17.10
N LYS A 68 -0.32 -6.14 -18.06
CA LYS A 68 1.10 -6.44 -17.85
CA LYS A 68 1.08 -6.44 -17.81
C LYS A 68 1.96 -5.22 -17.53
N ASN A 69 1.47 -4.03 -17.88
CA ASN A 69 2.28 -2.83 -17.72
C ASN A 69 1.94 -2.00 -16.49
N LEU A 70 1.06 -2.54 -15.63
CA LEU A 70 0.67 -1.83 -14.42
C LEU A 70 1.86 -1.46 -13.54
N GLU A 71 1.92 -0.19 -13.14
CA GLU A 71 2.93 0.28 -12.20
C GLU A 71 2.30 0.62 -10.87
N VAL A 72 1.04 1.06 -10.93
CA VAL A 72 0.27 1.42 -9.74
C VAL A 72 -1.07 0.68 -9.75
N LEU A 73 -1.35 -0.07 -8.70
CA LEU A 73 -2.58 -0.84 -8.62
C LEU A 73 -3.18 -0.64 -7.25
N ASN A 74 -4.37 -0.05 -7.20
CA ASN A 74 -4.96 0.38 -5.93
C ASN A 74 -6.30 -0.28 -5.69
N PHE A 75 -6.36 -1.15 -4.68
CA PHE A 75 -7.57 -1.84 -4.26
C PHE A 75 -8.01 -1.40 -2.87
N PHE A 76 -7.59 -0.22 -2.43
CA PHE A 76 -7.88 0.21 -1.06
C PHE A 76 -9.39 0.22 -0.74
N ASN A 77 -9.75 -0.33 0.41
CA ASN A 77 -11.13 -0.29 0.91
C ASN A 77 -12.09 -1.01 -0.02
N ASN A 78 -11.79 -2.28 -0.26
CA ASN A 78 -12.74 -3.22 -0.85
C ASN A 78 -13.03 -4.29 0.19
N GLN A 79 -13.50 -5.46 -0.24
CA GLN A 79 -13.73 -6.56 0.71
C GLN A 79 -13.00 -7.80 0.25
N ILE A 80 -11.78 -7.61 -0.23
CA ILE A 80 -11.06 -8.69 -0.91
C ILE A 80 -10.56 -9.71 0.10
N GLU A 81 -10.90 -10.98 -0.13
CA GLU A 81 -10.57 -12.08 0.77
CA GLU A 81 -10.55 -12.07 0.78
C GLU A 81 -9.44 -12.94 0.22
N GLU A 82 -9.19 -12.82 -1.06
CA GLU A 82 -8.21 -13.69 -1.70
C GLU A 82 -7.63 -13.00 -2.91
N LEU A 83 -6.35 -13.24 -3.16
CA LEU A 83 -5.69 -12.74 -4.37
C LEU A 83 -5.21 -13.94 -5.18
N PRO A 84 -5.17 -13.80 -6.51
CA PRO A 84 -4.66 -14.85 -7.39
C PRO A 84 -3.15 -14.88 -7.39
N THR A 85 -2.55 -16.03 -7.65
CA THR A 85 -1.08 -16.07 -7.73
C THR A 85 -0.58 -15.16 -8.83
N GLN A 86 -1.43 -14.93 -9.84
CA GLN A 86 -1.10 -14.04 -10.95
C GLN A 86 -0.77 -12.61 -10.55
N ILE A 87 -1.13 -12.22 -9.33
CA ILE A 87 -0.84 -10.87 -8.86
C ILE A 87 0.68 -10.63 -8.86
N SER A 88 1.47 -11.69 -8.73
CA SER A 88 2.89 -11.49 -8.61
C SER A 88 3.59 -11.57 -9.97
N SER A 89 2.81 -11.70 -11.04
CA SER A 89 3.35 -11.73 -12.40
C SER A 89 3.59 -10.34 -12.97
N LEU A 90 3.16 -9.33 -12.24
CA LEU A 90 3.20 -7.95 -12.75
C LEU A 90 4.60 -7.36 -12.65
N GLN A 91 5.35 -7.47 -13.75
CA GLN A 91 6.78 -7.20 -13.75
C GLN A 91 7.14 -5.74 -13.50
N LYS A 92 6.19 -4.85 -13.75
CA LYS A 92 6.44 -3.42 -13.67
C LYS A 92 5.82 -2.77 -12.45
N LEU A 93 5.15 -3.58 -11.63
CA LEU A 93 4.35 -3.05 -10.52
C LEU A 93 5.24 -2.46 -9.42
N LYS A 94 5.03 -1.19 -9.12
CA LYS A 94 5.85 -0.50 -8.13
C LYS A 94 5.06 -0.14 -6.87
N HIS A 95 3.75 0.08 -7.02
CA HIS A 95 2.87 0.47 -5.93
C HIS A 95 1.67 -0.44 -5.88
N LEU A 96 1.46 -1.12 -4.75
CA LEU A 96 0.33 -2.02 -4.61
C LEU A 96 -0.38 -1.68 -3.31
N ASN A 97 -1.61 -1.20 -3.43
CA ASN A 97 -2.36 -0.84 -2.23
C ASN A 97 -3.46 -1.85 -1.99
N LEU A 98 -3.30 -2.63 -0.92
CA LEU A 98 -4.29 -3.63 -0.55
C LEU A 98 -4.89 -3.30 0.80
N GLY A 99 -4.74 -2.04 1.20
CA GLY A 99 -5.25 -1.60 2.49
C GLY A 99 -6.75 -1.73 2.62
N MET A 100 -7.18 -1.97 3.85
CA MET A 100 -8.61 -1.98 4.17
C MET A 100 -9.35 -3.02 3.33
N ASN A 101 -8.93 -4.27 3.47
CA ASN A 101 -9.64 -5.37 2.82
C ASN A 101 -9.88 -6.47 3.84
N ARG A 102 -10.03 -7.71 3.39
CA ARG A 102 -10.35 -8.81 4.29
CA ARG A 102 -10.36 -8.83 4.27
C ARG A 102 -9.31 -9.93 4.18
N LEU A 103 -8.06 -9.53 3.99
CA LEU A 103 -7.01 -10.52 3.77
C LEU A 103 -6.45 -11.10 5.05
N ASN A 104 -6.52 -12.42 5.21
CA ASN A 104 -5.71 -13.05 6.24
C ASN A 104 -4.67 -13.98 5.62
N THR A 105 -4.64 -14.01 4.30
CA THR A 105 -3.67 -14.83 3.58
C THR A 105 -3.21 -14.06 2.34
N LEU A 106 -2.01 -14.41 1.85
CA LEU A 106 -1.51 -13.94 0.57
C LEU A 106 -1.15 -15.17 -0.26
N PRO A 107 -1.25 -15.05 -1.59
CA PRO A 107 -1.11 -16.26 -2.41
C PRO A 107 0.32 -16.78 -2.50
N ARG A 108 0.44 -18.05 -2.89
CA ARG A 108 1.73 -18.66 -3.18
C ARG A 108 2.55 -17.76 -4.09
N GLY A 109 3.81 -17.55 -3.74
CA GLY A 109 4.69 -16.79 -4.61
C GLY A 109 4.47 -15.28 -4.68
N PHE A 110 3.72 -14.73 -3.74
CA PHE A 110 3.44 -13.29 -3.71
C PHE A 110 4.71 -12.47 -3.76
N GLY A 111 5.77 -12.99 -3.13
CA GLY A 111 7.03 -12.28 -3.04
C GLY A 111 7.83 -12.22 -4.32
N SER A 112 7.27 -12.72 -5.42
CA SER A 112 7.98 -12.80 -6.69
C SER A 112 7.93 -11.51 -7.51
N LEU A 113 7.17 -10.53 -7.02
CA LEU A 113 7.08 -9.23 -7.70
C LEU A 113 8.47 -8.59 -7.77
N PRO A 114 8.97 -8.33 -8.99
CA PRO A 114 10.38 -7.93 -9.08
C PRO A 114 10.67 -6.44 -8.94
N ALA A 115 9.65 -5.59 -8.95
CA ALA A 115 9.87 -4.15 -8.97
C ALA A 115 9.15 -3.42 -7.85
N LEU A 116 8.45 -4.15 -6.98
CA LEU A 116 7.58 -3.54 -5.98
C LEU A 116 8.34 -2.63 -5.02
N GLU A 117 7.86 -1.38 -4.89
CA GLU A 117 8.55 -0.40 -4.05
C GLU A 117 7.72 0.01 -2.83
N VAL A 118 6.40 0.08 -3.02
CA VAL A 118 5.51 0.43 -1.93
C VAL A 118 4.41 -0.60 -1.83
N LEU A 119 4.30 -1.25 -0.67
CA LEU A 119 3.27 -2.23 -0.43
C LEU A 119 2.46 -1.83 0.78
N ASP A 120 1.16 -1.63 0.57
CA ASP A 120 0.29 -1.21 1.65
C ASP A 120 -0.71 -2.32 1.96
N LEU A 121 -0.55 -2.91 3.16
CA LEU A 121 -1.42 -3.97 3.63
C LEU A 121 -2.15 -3.55 4.90
N THR A 122 -2.21 -2.24 5.14
CA THR A 122 -2.87 -1.70 6.32
C THR A 122 -4.32 -2.17 6.47
N TYR A 123 -4.70 -2.53 7.70
CA TYR A 123 -6.11 -2.78 8.02
C TYR A 123 -6.65 -3.98 7.27
N ASN A 124 -6.06 -5.13 7.59
CA ASN A 124 -6.53 -6.41 7.07
C ASN A 124 -6.62 -7.35 8.25
N ASN A 125 -6.35 -8.63 8.04
CA ASN A 125 -6.41 -9.61 9.14
C ASN A 125 -5.15 -10.47 9.11
N LEU A 126 -4.03 -9.80 8.86
CA LEU A 126 -2.76 -10.49 8.61
C LEU A 126 -1.95 -10.70 9.87
N SER A 127 -1.27 -11.83 9.93
CA SER A 127 -0.25 -12.06 10.95
C SER A 127 0.97 -12.63 10.26
N GLU A 128 2.00 -12.95 11.05
CA GLU A 128 3.22 -13.48 10.51
C GLU A 128 2.95 -14.81 9.79
N ASN A 129 1.93 -15.53 10.23
CA ASN A 129 1.56 -16.77 9.55
C ASN A 129 0.89 -16.56 8.21
N SER A 130 0.50 -15.32 7.92
CA SER A 130 -0.12 -14.97 6.64
C SER A 130 0.89 -14.74 5.54
N LEU A 131 2.14 -14.51 5.90
CA LEU A 131 3.15 -14.17 4.91
C LEU A 131 3.59 -15.40 4.14
N PRO A 132 3.63 -15.31 2.80
CA PRO A 132 4.16 -16.44 2.04
C PRO A 132 5.62 -16.69 2.35
N GLY A 133 6.05 -17.92 2.09
CA GLY A 133 7.42 -18.30 2.30
C GLY A 133 8.40 -17.36 1.62
N ASN A 134 8.02 -16.80 0.47
CA ASN A 134 8.97 -15.94 -0.24
C ASN A 134 8.70 -14.46 -0.09
N PHE A 135 7.95 -14.09 0.94
CA PHE A 135 7.55 -12.68 1.11
C PHE A 135 8.76 -11.75 1.12
N PHE A 136 9.84 -12.17 1.76
CA PHE A 136 10.98 -11.28 1.93
C PHE A 136 11.96 -11.34 0.76
N TYR A 137 11.50 -11.88 -0.35
CA TYR A 137 12.23 -11.74 -1.61
CA TYR A 137 12.23 -11.74 -1.61
C TYR A 137 11.89 -10.40 -2.26
N LEU A 138 10.97 -9.66 -1.64
CA LEU A 138 10.56 -8.34 -2.14
C LEU A 138 11.60 -7.28 -1.79
N THR A 139 12.83 -7.50 -2.22
CA THR A 139 13.96 -6.69 -1.74
C THR A 139 14.03 -5.30 -2.37
N THR A 140 13.14 -5.01 -3.31
CA THR A 140 13.08 -3.66 -3.87
C THR A 140 12.21 -2.73 -3.02
N LEU A 141 11.57 -3.28 -1.98
CA LEU A 141 10.63 -2.46 -1.18
C LEU A 141 11.30 -1.27 -0.48
N ARG A 142 10.69 -0.09 -0.62
CA ARG A 142 11.08 1.11 0.10
C ARG A 142 10.11 1.43 1.24
N ALA A 143 8.86 1.01 1.10
CA ALA A 143 7.87 1.30 2.12
C ALA A 143 6.95 0.10 2.29
N LEU A 144 6.77 -0.32 3.54
CA LEU A 144 5.93 -1.46 3.86
C LEU A 144 5.00 -1.06 4.98
N TYR A 145 3.71 -1.03 4.67
CA TYR A 145 2.70 -0.65 5.64
C TYR A 145 1.90 -1.86 6.12
N LEU A 146 2.05 -2.20 7.40
CA LEU A 146 1.40 -3.35 8.00
C LEU A 146 0.51 -2.97 9.19
N SER A 147 0.23 -1.68 9.34
CA SER A 147 -0.54 -1.23 10.50
C SER A 147 -1.95 -1.80 10.53
N ASP A 148 -2.53 -1.87 11.72
CA ASP A 148 -3.87 -2.40 11.90
C ASP A 148 -3.95 -3.83 11.38
N ASN A 149 -3.12 -4.69 11.93
CA ASN A 149 -3.17 -6.10 11.61
C ASN A 149 -2.89 -6.89 12.88
N ASP A 150 -2.60 -8.17 12.73
CA ASP A 150 -2.54 -9.07 13.89
C ASP A 150 -1.17 -9.73 14.11
N PHE A 151 -0.11 -9.03 13.71
CA PHE A 151 1.24 -9.57 13.90
C PHE A 151 1.61 -9.61 15.37
N GLU A 152 2.11 -10.76 15.81
CA GLU A 152 2.60 -10.93 17.16
C GLU A 152 4.12 -10.93 17.15
N ILE A 153 4.67 -11.48 16.08
CA ILE A 153 6.11 -11.51 15.87
C ILE A 153 6.36 -10.94 14.48
N LEU A 154 7.51 -10.29 14.30
CA LEU A 154 7.96 -9.93 12.98
C LEU A 154 9.19 -10.75 12.70
N PRO A 155 9.19 -11.48 11.58
CA PRO A 155 10.28 -12.41 11.27
C PRO A 155 11.59 -11.66 11.10
N PRO A 156 12.71 -12.30 11.45
CA PRO A 156 14.02 -11.64 11.30
C PRO A 156 14.35 -11.38 9.83
N ASP A 157 13.65 -12.04 8.91
CA ASP A 157 13.89 -11.83 7.49
CA ASP A 157 13.87 -11.85 7.48
C ASP A 157 13.52 -10.43 7.02
N ILE A 158 12.92 -9.64 7.91
CA ILE A 158 12.68 -8.24 7.61
C ILE A 158 14.00 -7.54 7.25
N GLY A 159 15.12 -8.07 7.76
CA GLY A 159 16.42 -7.51 7.49
C GLY A 159 16.88 -7.65 6.05
N LYS A 160 16.17 -8.46 5.26
CA LYS A 160 16.53 -8.63 3.85
C LYS A 160 15.99 -7.49 3.00
N LEU A 161 15.04 -6.73 3.54
CA LEU A 161 14.48 -5.60 2.81
C LEU A 161 15.38 -4.39 3.02
N THR A 162 16.60 -4.46 2.49
CA THR A 162 17.64 -3.50 2.83
C THR A 162 17.39 -2.07 2.30
N LYS A 163 16.41 -1.91 1.41
CA LYS A 163 16.12 -0.58 0.87
C LYS A 163 14.96 0.09 1.62
N LEU A 164 14.43 -0.58 2.63
CA LEU A 164 13.27 -0.07 3.35
C LEU A 164 13.55 1.27 4.02
N GLN A 165 12.68 2.23 3.74
CA GLN A 165 12.76 3.56 4.32
CA GLN A 165 12.76 3.56 4.32
C GLN A 165 11.64 3.75 5.33
N ILE A 166 10.52 3.06 5.11
CA ILE A 166 9.36 3.17 5.97
C ILE A 166 8.84 1.79 6.35
N LEU A 167 8.68 1.57 7.65
CA LEU A 167 8.10 0.33 8.15
C LEU A 167 7.01 0.70 9.16
N SER A 168 5.77 0.45 8.79
CA SER A 168 4.65 0.86 9.63
C SER A 168 4.03 -0.36 10.28
N LEU A 169 4.11 -0.42 11.61
CA LEU A 169 3.62 -1.56 12.38
C LEU A 169 2.63 -1.14 13.46
N ARG A 170 2.04 0.03 13.28
CA ARG A 170 1.13 0.59 14.28
C ARG A 170 -0.05 -0.36 14.54
N ASP A 171 -0.44 -0.49 15.81
CA ASP A 171 -1.66 -1.22 16.15
C ASP A 171 -1.67 -2.64 15.61
N ASN A 172 -0.55 -3.33 15.82
CA ASN A 172 -0.53 -4.77 15.73
C ASN A 172 -0.51 -5.34 17.13
N ASP A 173 -0.05 -6.57 17.29
CA ASP A 173 -0.02 -7.21 18.61
C ASP A 173 1.39 -7.62 18.98
N LEU A 174 2.37 -6.84 18.52
CA LEU A 174 3.78 -7.21 18.65
C LEU A 174 4.26 -7.23 20.09
N ILE A 175 4.90 -8.33 20.47
CA ILE A 175 5.40 -8.47 21.83
C ILE A 175 6.90 -8.18 21.85
N SER A 176 7.50 -8.19 20.66
CA SER A 176 8.92 -7.90 20.50
CA SER A 176 8.90 -7.84 20.52
C SER A 176 9.19 -7.41 19.08
N LEU A 177 10.39 -6.88 18.85
CA LEU A 177 10.83 -6.51 17.51
C LEU A 177 12.13 -7.24 17.21
N PRO A 178 12.33 -7.68 15.97
CA PRO A 178 13.59 -8.34 15.62
C PRO A 178 14.76 -7.38 15.59
N LYS A 179 15.93 -7.83 16.02
CA LYS A 179 17.15 -7.03 16.00
C LYS A 179 17.53 -6.61 14.58
N GLU A 180 17.04 -7.38 13.60
CA GLU A 180 17.41 -7.18 12.20
C GLU A 180 16.89 -5.86 11.64
N ILE A 181 15.93 -5.25 12.34
CA ILE A 181 15.48 -3.91 11.98
C ILE A 181 16.63 -2.92 12.08
N GLY A 182 17.56 -3.18 12.98
CA GLY A 182 18.76 -2.38 13.12
C GLY A 182 19.67 -2.42 11.91
N GLU A 183 19.47 -3.39 11.03
CA GLU A 183 20.28 -3.54 9.82
C GLU A 183 19.75 -2.72 8.67
N LEU A 184 18.57 -2.15 8.84
CA LEU A 184 17.93 -1.38 7.78
C LEU A 184 18.51 0.03 7.73
N THR A 185 19.63 0.18 7.04
CA THR A 185 20.41 1.42 7.07
C THR A 185 19.67 2.63 6.50
N GLN A 186 18.63 2.39 5.73
CA GLN A 186 17.89 3.46 5.07
C GLN A 186 16.61 3.82 5.81
N LEU A 187 16.34 3.16 6.92
CA LEU A 187 15.05 3.32 7.61
C LEU A 187 14.90 4.71 8.26
N LYS A 188 13.81 5.38 7.91
CA LYS A 188 13.56 6.75 8.38
C LYS A 188 12.27 6.86 9.21
N GLU A 189 11.33 5.95 8.98
CA GLU A 189 10.11 5.89 9.76
C GLU A 189 9.92 4.48 10.29
N LEU A 190 9.67 4.37 11.58
CA LEU A 190 9.29 3.10 12.20
C LEU A 190 8.10 3.35 13.11
N HIS A 191 6.91 2.96 12.67
CA HIS A 191 5.70 3.21 13.46
C HIS A 191 5.41 1.97 14.30
N ILE A 192 5.53 2.10 15.62
CA ILE A 192 5.29 0.94 16.48
C ILE A 192 4.33 1.20 17.63
N GLN A 193 3.66 2.35 17.60
CA GLN A 193 2.68 2.65 18.64
C GLN A 193 1.51 1.65 18.59
N GLY A 194 0.92 1.38 19.75
CA GLY A 194 -0.26 0.54 19.83
C GLY A 194 -0.01 -0.96 19.88
N ASN A 195 1.24 -1.35 20.07
CA ASN A 195 1.55 -2.77 20.18
C ASN A 195 1.61 -3.22 21.64
N ARG A 196 2.31 -4.31 21.92
CA ARG A 196 2.45 -4.79 23.31
C ARG A 196 3.92 -4.94 23.65
N LEU A 197 4.70 -3.97 23.19
CA LEU A 197 6.15 -3.98 23.37
C LEU A 197 6.53 -3.61 24.81
N THR A 198 7.53 -4.31 25.32
CA THR A 198 8.04 -4.02 26.66
C THR A 198 9.52 -3.64 26.58
N VAL A 199 10.37 -4.62 26.30
CA VAL A 199 11.80 -4.35 26.19
C VAL A 199 12.32 -4.84 24.84
N LEU A 200 13.22 -4.06 24.24
CA LEU A 200 13.71 -4.34 22.89
C LEU A 200 15.12 -4.90 22.92
N PRO A 201 15.55 -5.55 21.83
CA PRO A 201 16.98 -5.88 21.74
C PRO A 201 17.80 -4.60 21.70
N PRO A 202 19.01 -4.64 22.28
CA PRO A 202 19.85 -3.43 22.35
C PRO A 202 20.24 -2.89 20.98
N GLU A 203 20.18 -3.74 19.95
CA GLU A 203 20.53 -3.33 18.59
C GLU A 203 19.60 -2.24 18.06
N LEU A 204 18.37 -2.22 18.54
CA LEU A 204 17.40 -1.22 18.10
C LEU A 204 17.59 0.10 18.84
N GLY A 205 18.44 0.07 19.87
CA GLY A 205 18.75 1.26 20.64
C GLY A 205 17.56 1.79 21.43
N ASN A 206 17.49 3.11 21.56
CA ASN A 206 16.43 3.75 22.32
C ASN A 206 15.26 4.21 21.44
N LEU A 207 14.41 3.26 21.05
CA LEU A 207 13.19 3.58 20.34
C LEU A 207 12.13 4.05 21.33
N ASP A 208 11.36 5.06 20.95
CA ASP A 208 10.30 5.57 21.82
C ASP A 208 9.16 4.56 21.89
N LEU A 209 8.99 3.94 23.05
CA LEU A 209 7.96 2.92 23.24
C LEU A 209 6.69 3.54 23.82
N THR A 210 6.43 4.80 23.50
CA THR A 210 5.22 5.47 23.92
C THR A 210 4.01 4.93 23.17
N GLY A 211 2.88 4.84 23.87
CA GLY A 211 1.63 4.48 23.23
C GLY A 211 1.48 3.00 22.94
N GLN A 212 2.00 2.15 23.81
CA GLN A 212 1.75 0.72 23.71
C GLN A 212 0.40 0.42 24.35
N LYS A 213 -0.27 -0.63 23.89
CA LYS A 213 -1.56 -1.01 24.47
C LYS A 213 -1.38 -2.07 25.53
N GLY B 5 18.19 18.29 -3.67
CA GLY B 5 18.47 16.89 -3.91
C GLY B 5 17.39 15.98 -3.34
N ASP B 6 16.20 16.53 -3.13
CA ASP B 6 15.09 15.76 -2.59
C ASP B 6 14.58 14.71 -3.58
N VAL B 7 14.31 13.51 -3.07
CA VAL B 7 13.80 12.42 -3.89
C VAL B 7 12.32 12.22 -3.65
N CYS B 8 11.56 12.09 -4.74
CA CYS B 8 10.12 11.92 -4.65
C CYS B 8 9.74 10.61 -3.97
N PHE B 9 8.87 10.70 -2.96
CA PHE B 9 8.42 9.51 -2.25
C PHE B 9 7.66 8.57 -3.18
N HIS B 10 7.00 9.13 -4.18
CA HIS B 10 6.23 8.31 -5.09
C HIS B 10 7.08 7.67 -6.20
N CYS B 11 7.68 8.50 -7.04
CA CYS B 11 8.35 7.96 -8.23
C CYS B 11 9.82 7.62 -7.99
N ASN B 12 10.35 7.99 -6.82
CA ASN B 12 11.69 7.61 -6.40
C ASN B 12 12.78 8.19 -7.32
N ARG B 13 12.50 9.35 -7.89
CA ARG B 13 13.47 10.06 -8.71
C ARG B 13 13.78 11.39 -8.06
N VAL B 14 14.95 11.94 -8.35
CA VAL B 14 15.27 13.30 -7.90
C VAL B 14 14.27 14.26 -8.50
N ILE B 15 13.66 15.07 -7.66
CA ILE B 15 12.63 16.01 -8.10
C ILE B 15 13.26 17.14 -8.92
N GLU B 16 12.80 17.29 -10.16
CA GLU B 16 13.37 18.28 -11.07
C GLU B 16 12.67 19.62 -11.00
N GLY B 17 11.36 19.59 -10.77
CA GLY B 17 10.58 20.81 -10.63
C GLY B 17 10.51 21.28 -9.19
N ASP B 18 9.42 21.93 -8.83
CA ASP B 18 9.23 22.39 -7.47
C ASP B 18 9.04 21.19 -6.54
N VAL B 19 9.49 21.32 -5.30
CA VAL B 19 9.36 20.24 -4.34
C VAL B 19 8.13 20.45 -3.46
N VAL B 20 7.26 19.44 -3.39
CA VAL B 20 6.18 19.46 -2.41
C VAL B 20 6.66 18.79 -1.13
N SER B 21 6.74 19.57 -0.05
CA SER B 21 7.21 19.04 1.23
C SER B 21 6.06 18.87 2.20
N ALA B 22 5.88 17.65 2.68
CA ALA B 22 4.83 17.37 3.65
C ALA B 22 5.14 16.05 4.32
N LEU B 23 4.79 15.94 5.59
CA LEU B 23 4.86 14.67 6.30
C LEU B 23 6.26 14.09 6.31
N ASN B 24 7.24 14.99 6.44
CA ASN B 24 8.66 14.64 6.48
C ASN B 24 9.13 13.95 5.20
N LYS B 25 8.39 14.13 4.12
CA LYS B 25 8.76 13.56 2.84
C LYS B 25 8.66 14.61 1.74
N ALA B 26 9.02 14.21 0.52
CA ALA B 26 9.02 15.11 -0.63
C ALA B 26 8.36 14.44 -1.84
N TRP B 27 7.61 15.23 -2.61
CA TRP B 27 6.99 14.74 -3.84
C TRP B 27 7.20 15.72 -4.98
N CYS B 28 7.27 15.19 -6.20
CA CYS B 28 7.07 16.02 -7.40
C CYS B 28 5.68 16.64 -7.33
N VAL B 29 5.52 17.81 -7.92
CA VAL B 29 4.21 18.47 -7.95
C VAL B 29 3.17 17.58 -8.59
N ASN B 30 3.55 16.88 -9.66
CA ASN B 30 2.59 16.03 -10.35
C ASN B 30 2.55 14.60 -9.83
N CYS B 31 3.26 14.34 -8.74
CA CYS B 31 3.19 13.03 -8.08
C CYS B 31 2.39 13.09 -6.79
N PHE B 32 2.34 14.27 -6.16
CA PHE B 32 1.65 14.41 -4.88
C PHE B 32 0.18 14.11 -5.05
N ALA B 33 -0.32 13.13 -4.29
CA ALA B 33 -1.64 12.61 -4.53
C ALA B 33 -2.13 11.88 -3.31
N CYS B 34 -3.45 11.73 -3.23
CA CYS B 34 -4.05 10.96 -2.16
C CYS B 34 -3.53 9.51 -2.17
N SER B 35 -3.10 9.01 -1.02
CA SER B 35 -2.55 7.66 -0.94
C SER B 35 -3.63 6.57 -1.07
N THR B 36 -4.90 6.95 -0.91
CA THR B 36 -5.94 5.93 -0.95
C THR B 36 -6.83 5.97 -2.22
N CYS B 37 -6.84 7.08 -2.97
CA CYS B 37 -7.57 7.10 -4.24
C CYS B 37 -6.73 7.63 -5.39
N ASN B 38 -5.51 8.05 -5.08
CA ASN B 38 -4.54 8.57 -6.06
C ASN B 38 -4.98 9.85 -6.78
N THR B 39 -5.97 10.55 -6.24
CA THR B 39 -6.38 11.82 -6.83
CA THR B 39 -6.37 11.82 -6.83
C THR B 39 -5.28 12.85 -6.54
N LYS B 40 -4.96 13.67 -7.54
CA LYS B 40 -3.89 14.64 -7.37
C LYS B 40 -4.22 15.64 -6.28
N LEU B 41 -3.23 15.97 -5.46
CA LEU B 41 -3.40 16.94 -4.40
C LEU B 41 -2.38 18.07 -4.49
N THR B 42 -2.71 19.20 -3.85
CA THR B 42 -1.73 20.23 -3.55
C THR B 42 -1.80 20.49 -2.06
N LEU B 43 -0.89 21.29 -1.53
CA LEU B 43 -0.92 21.60 -0.10
C LEU B 43 -2.08 22.51 0.25
N LYS B 44 -2.78 23.03 -0.75
CA LYS B 44 -3.96 23.84 -0.50
C LYS B 44 -5.23 22.97 -0.34
N ASN B 45 -5.15 21.71 -0.77
CA ASN B 45 -6.27 20.78 -0.59
C ASN B 45 -6.39 20.33 0.86
N LYS B 46 -7.61 19.96 1.24
CA LYS B 46 -7.86 19.32 2.53
C LYS B 46 -7.47 17.85 2.53
N PHE B 47 -6.54 17.50 3.41
CA PHE B 47 -6.19 16.10 3.59
C PHE B 47 -5.75 15.83 5.00
N VAL B 48 -5.78 14.55 5.37
CA VAL B 48 -5.38 14.15 6.71
C VAL B 48 -4.12 13.30 6.62
N GLU B 49 -3.45 13.15 7.76
CA GLU B 49 -2.27 12.32 7.87
C GLU B 49 -2.69 10.94 8.39
N PHE B 50 -2.29 9.90 7.66
CA PHE B 50 -2.56 8.51 8.05
C PHE B 50 -1.27 7.74 7.85
N ASP B 51 -0.64 7.35 8.95
CA ASP B 51 0.69 6.74 8.92
C ASP B 51 1.64 7.54 8.05
N MET B 52 1.55 8.85 8.21
CA MET B 52 2.39 9.84 7.54
C MET B 52 2.25 9.81 6.02
N LYS B 53 1.08 9.38 5.56
CA LYS B 53 0.67 9.48 4.16
CA LYS B 53 0.69 9.52 4.17
C LYS B 53 -0.51 10.45 4.04
N PRO B 54 -0.60 11.16 2.92
CA PRO B 54 -1.76 12.04 2.76
C PRO B 54 -3.00 11.25 2.36
N VAL B 55 -4.13 11.56 3.00
CA VAL B 55 -5.41 10.96 2.65
C VAL B 55 -6.41 12.09 2.46
N CYS B 56 -7.02 12.19 1.28
CA CYS B 56 -7.92 13.31 1.02
C CYS B 56 -9.16 13.21 1.92
N LYS B 57 -9.84 14.34 2.14
CA LYS B 57 -10.99 14.36 3.03
C LYS B 57 -12.08 13.38 2.64
N LYS B 58 -12.36 13.28 1.34
CA LYS B 58 -13.44 12.41 0.86
C LYS B 58 -13.09 10.95 1.17
N CYS B 59 -11.82 10.58 1.01
CA CYS B 59 -11.42 9.22 1.36
C CYS B 59 -11.50 8.97 2.86
N TYR B 60 -11.07 9.94 3.65
CA TYR B 60 -11.01 9.70 5.09
C TYR B 60 -12.42 9.45 5.65
N GLU B 61 -13.42 10.13 5.09
CA GLU B 61 -14.81 9.91 5.50
C GLU B 61 -15.26 8.47 5.31
N LYS B 62 -14.65 7.77 4.37
CA LYS B 62 -15.04 6.38 4.09
C LYS B 62 -14.36 5.37 5.00
N PHE B 63 -13.46 5.83 5.87
CA PHE B 63 -12.76 4.94 6.78
C PHE B 63 -13.77 4.37 7.76
N PRO B 64 -13.49 3.18 8.32
CA PRO B 64 -14.37 2.59 9.32
C PRO B 64 -14.49 3.50 10.53
N LEU B 65 -15.69 3.58 11.08
CA LEU B 65 -15.93 4.40 12.25
C LEU B 65 -15.00 4.07 13.41
N GLU B 66 -14.72 2.79 13.62
CA GLU B 66 -13.92 2.42 14.80
C GLU B 66 -12.52 2.99 14.66
N LEU B 67 -12.00 3.04 13.43
CA LEU B 67 -10.68 3.58 13.17
C LEU B 67 -10.68 5.11 13.32
N LYS B 68 -11.69 5.75 12.74
CA LYS B 68 -11.80 7.20 12.87
C LYS B 68 -11.89 7.61 14.34
N LYS B 69 -12.59 6.82 15.14
CA LYS B 69 -12.71 7.15 16.55
C LYS B 69 -11.37 7.02 17.26
N ARG B 70 -10.61 5.97 16.92
CA ARG B 70 -9.30 5.77 17.52
C ARG B 70 -8.32 6.86 17.13
N LEU B 71 -8.39 7.30 15.87
CA LEU B 71 -7.43 8.29 15.37
C LEU B 71 -7.73 9.67 15.92
N LYS B 72 -8.99 9.90 16.26
CA LYS B 72 -9.39 11.17 16.88
C LYS B 72 -8.95 11.24 18.33
N LYS B 73 -9.27 10.20 19.10
CA LYS B 73 -8.90 10.14 20.53
C LYS B 73 -7.40 10.29 20.71
N LEU B 74 -6.65 9.75 19.74
CA LEU B 74 -5.20 9.88 19.70
C LEU B 74 -4.77 11.33 19.48
#